data_9GRG
#
_entry.id   9GRG
#
_cell.length_a   59.902
_cell.length_b   85.747
_cell.length_c   130.747
_cell.angle_alpha   90
_cell.angle_beta   90
_cell.angle_gamma   90
#
_symmetry.space_group_name_H-M   'C 2 2 21'
#
loop_
_entity.id
_entity.type
_entity.pdbx_description
1 polymer 'Alkaline serine protease'
2 non-polymer GLYCEROL
3 non-polymer 'phenylmethanesulfonic acid'
4 non-polymer 'SULFATE ION'
5 non-polymer 'CALCIUM ION'
6 water water
#
_entity_poly.entity_id   1
_entity_poly.type   'polypeptide(L)'
_entity_poly.pdbx_seq_one_letter_code
;LAPNDPYYQQYQWHLHNATGGINAPSAWDVSQGEGVVVAVLDTGILPQHPDLVGNLLEGYDFISDASTSRRATNDRVPGA
QDYGDWVENDNECYTGSVAEDSSWHGTHVAGTVAEQTNNGVGMAGVAHKAKVLPVRVLGKCGGYLSDIADAITWASGGTV
AGVPANANPAEVINMSLGGSGSCDGTYQDAINGAISRGTTVVVAAGNETDNASKYRPASCDGVVTVGATRITGGITYYSN
YGSRVDLSGPGGGGSVDGNPGGYVWQSGSDAATTPESGSYSYMGMGGTSMASPHVAAVAALVQSALIAAGKDPLAPAAMR
TLLKETARPFPVSIPTATPIGTGIVDAKAALASALE
;
_entity_poly.pdbx_strand_id   A
#
loop_
_chem_comp.id
_chem_comp.type
_chem_comp.name
_chem_comp.formula
CA non-polymer 'CALCIUM ION' 'Ca 2'
GOL non-polymer GLYCEROL 'C3 H8 O3'
PMS non-polymer 'phenylmethanesulfonic acid' 'C7 H8 O3 S'
SO4 non-polymer 'SULFATE ION' 'O4 S -2'
#
# COMPACT_ATOMS: atom_id res chain seq x y z
N LEU A 1 1.82 0.68 -22.65
CA LEU A 1 0.33 0.60 -22.65
C LEU A 1 -0.25 1.93 -22.18
N ALA A 2 -1.17 2.48 -22.99
CA ALA A 2 -1.94 3.65 -22.58
C ALA A 2 -3.38 3.20 -22.35
N PRO A 3 -3.75 2.78 -21.12
CA PRO A 3 -5.07 2.16 -20.90
C PRO A 3 -6.16 3.21 -21.14
N ASN A 4 -7.41 2.78 -21.32
CA ASN A 4 -8.50 3.67 -21.70
C ASN A 4 -9.33 4.14 -20.50
N ASP A 5 -8.84 3.91 -19.27
CA ASP A 5 -9.59 4.38 -18.11
C ASP A 5 -9.80 5.88 -18.21
N PRO A 6 -11.06 6.35 -18.11
CA PRO A 6 -11.39 7.74 -18.40
C PRO A 6 -10.61 8.78 -17.60
N TYR A 7 -10.33 8.51 -16.30
CA TYR A 7 -9.69 9.53 -15.47
C TYR A 7 -8.16 9.37 -15.41
N TYR A 8 -7.62 8.33 -16.04
CA TYR A 8 -6.20 7.99 -15.93
C TYR A 8 -5.30 9.13 -16.40
N GLN A 9 -5.59 9.62 -17.62
CA GLN A 9 -4.70 10.63 -18.22
C GLN A 9 -4.66 11.91 -17.40
N GLN A 10 -5.82 12.42 -16.99
CA GLN A 10 -5.82 13.74 -16.33
C GLN A 10 -5.32 13.59 -14.90
N TYR A 11 -5.58 12.43 -14.27
CA TYR A 11 -5.45 12.41 -12.80
C TYR A 11 -4.21 11.67 -12.34
N GLN A 12 -3.80 10.61 -13.10
CA GLN A 12 -2.87 9.65 -12.52
C GLN A 12 -1.40 9.91 -12.91
N TRP A 13 -0.94 11.10 -12.55
CA TRP A 13 0.45 11.52 -12.74
C TRP A 13 1.37 10.53 -12.04
N HIS A 14 0.89 9.94 -10.94
CA HIS A 14 1.77 9.06 -10.16
C HIS A 14 2.09 7.79 -10.95
N LEU A 15 1.27 7.51 -11.97
CA LEU A 15 1.50 6.36 -12.84
C LEU A 15 2.34 6.74 -14.06
N HIS A 16 2.15 7.95 -14.64
CA HIS A 16 2.70 8.22 -15.96
C HIS A 16 3.45 9.56 -16.08
N ASN A 17 3.54 10.36 -15.00
CA ASN A 17 4.25 11.61 -15.12
C ASN A 17 5.74 11.31 -15.29
N ALA A 18 6.43 12.13 -16.09
CA ALA A 18 7.81 11.86 -16.45
C ALA A 18 8.76 12.17 -15.32
N THR A 19 8.42 13.12 -14.42
CA THR A 19 9.30 13.41 -13.29
C THR A 19 8.86 12.68 -12.02
N GLY A 20 7.55 12.55 -11.81
CA GLY A 20 7.09 12.06 -10.51
C GLY A 20 6.40 10.70 -10.57
N GLY A 21 6.19 10.14 -11.78
CA GLY A 21 5.48 8.89 -11.93
C GLY A 21 6.46 7.71 -11.87
N ILE A 22 5.93 6.48 -11.91
CA ILE A 22 6.72 5.30 -11.62
C ILE A 22 6.97 4.52 -12.93
N ASN A 23 6.64 5.15 -14.06
CA ASN A 23 6.98 4.56 -15.36
C ASN A 23 6.06 3.37 -15.60
N ALA A 24 4.79 3.47 -15.20
CA ALA A 24 3.89 2.34 -15.33
C ALA A 24 3.63 2.05 -16.82
N PRO A 25 3.42 3.02 -17.72
CA PRO A 25 3.04 2.69 -19.11
C PRO A 25 3.97 1.67 -19.78
N SER A 26 5.27 1.88 -19.59
CA SER A 26 6.32 1.04 -20.14
C SER A 26 6.34 -0.32 -19.45
N ALA A 27 6.24 -0.30 -18.09
CA ALA A 27 6.23 -1.53 -17.31
C ALA A 27 5.10 -2.45 -17.79
N TRP A 28 3.95 -1.85 -18.10
CA TRP A 28 2.74 -2.56 -18.44
C TRP A 28 2.86 -3.28 -19.80
N ASP A 29 3.80 -2.86 -20.63
CA ASP A 29 4.15 -3.56 -21.86
C ASP A 29 4.75 -4.94 -21.54
N VAL A 30 5.22 -5.13 -20.30
CA VAL A 30 5.96 -6.34 -19.98
C VAL A 30 5.11 -7.17 -19.03
N SER A 31 4.56 -6.52 -17.99
CA SER A 31 3.91 -7.28 -16.93
C SER A 31 2.79 -6.44 -16.34
N GLN A 32 1.70 -7.11 -15.94
CA GLN A 32 0.64 -6.45 -15.21
C GLN A 32 0.40 -7.14 -13.87
N GLY A 33 1.25 -8.11 -13.50
CA GLY A 33 1.16 -8.77 -12.19
C GLY A 33 0.28 -10.03 -12.10
N GLU A 34 -0.14 -10.56 -13.25
CA GLU A 34 -0.99 -11.73 -13.28
C GLU A 34 -0.34 -12.88 -12.52
N GLY A 35 -1.12 -13.52 -11.63
CA GLY A 35 -0.69 -14.75 -10.98
C GLY A 35 -0.08 -14.51 -9.60
N VAL A 36 -0.11 -13.25 -9.15
CA VAL A 36 0.55 -12.88 -7.90
C VAL A 36 -0.54 -12.38 -6.97
N VAL A 37 -0.33 -12.55 -5.65
CA VAL A 37 -1.31 -12.07 -4.69
C VAL A 37 -0.57 -11.09 -3.82
N VAL A 38 -1.16 -9.90 -3.62
CA VAL A 38 -0.65 -8.86 -2.74
C VAL A 38 -1.67 -8.71 -1.60
N ALA A 39 -1.20 -8.86 -0.37
CA ALA A 39 -2.06 -8.70 0.80
C ALA A 39 -1.97 -7.24 1.23
N VAL A 40 -3.13 -6.61 1.34
CA VAL A 40 -3.18 -5.21 1.73
C VAL A 40 -3.69 -5.20 3.17
N LEU A 41 -2.80 -4.87 4.10
CA LEU A 41 -3.18 -4.88 5.49
C LEU A 41 -3.57 -3.46 5.86
N ASP A 42 -4.87 -3.23 6.11
CA ASP A 42 -5.36 -1.86 6.07
C ASP A 42 -6.74 -1.79 6.72
N THR A 43 -7.55 -0.79 6.30
CA THR A 43 -8.85 -0.50 6.89
C THR A 43 -9.90 -1.48 6.39
N GLY A 44 -9.54 -2.37 5.47
CA GLY A 44 -10.58 -3.21 4.91
C GLY A 44 -10.84 -2.80 3.46
N ILE A 45 -11.96 -3.25 2.89
CA ILE A 45 -12.18 -2.95 1.48
C ILE A 45 -13.67 -2.74 1.21
N LEU A 46 -13.94 -2.05 0.09
CA LEU A 46 -15.29 -2.03 -0.42
C LEU A 46 -15.34 -3.03 -1.56
N PRO A 47 -15.70 -4.30 -1.27
CA PRO A 47 -15.47 -5.41 -2.20
C PRO A 47 -16.25 -5.39 -3.50
N GLN A 48 -17.31 -4.58 -3.55
CA GLN A 48 -18.11 -4.47 -4.76
C GLN A 48 -17.84 -3.17 -5.53
N HIS A 49 -16.75 -2.45 -5.22
CA HIS A 49 -16.45 -1.25 -5.98
C HIS A 49 -16.33 -1.69 -7.44
N PRO A 50 -17.04 -1.07 -8.40
CA PRO A 50 -17.07 -1.59 -9.77
C PRO A 50 -15.74 -1.49 -10.50
N ASP A 51 -14.80 -0.71 -9.96
CA ASP A 51 -13.47 -0.69 -10.56
C ASP A 51 -12.48 -1.67 -9.91
N LEU A 52 -12.93 -2.44 -8.89
CA LEU A 52 -12.10 -3.44 -8.21
C LEU A 52 -12.62 -4.86 -8.42
N VAL A 53 -13.94 -5.03 -8.60
CA VAL A 53 -14.53 -6.36 -8.74
C VAL A 53 -13.75 -7.16 -9.78
N GLY A 54 -13.45 -8.39 -9.40
CA GLY A 54 -12.74 -9.28 -10.30
C GLY A 54 -11.27 -9.40 -9.91
N ASN A 55 -10.72 -8.43 -9.14
CA ASN A 55 -9.32 -8.50 -8.74
C ASN A 55 -9.17 -8.71 -7.23
N LEU A 56 -10.28 -8.97 -6.54
CA LEU A 56 -10.25 -9.16 -5.09
C LEU A 56 -10.45 -10.63 -4.71
N LEU A 57 -9.75 -11.04 -3.65
CA LEU A 57 -10.05 -12.25 -2.88
C LEU A 57 -10.84 -11.86 -1.64
N GLU A 58 -11.46 -12.87 -1.00
CA GLU A 58 -12.34 -12.58 0.12
C GLU A 58 -11.57 -11.94 1.28
N GLY A 59 -10.39 -12.48 1.62
CA GLY A 59 -9.63 -11.87 2.69
C GLY A 59 -10.26 -12.14 4.05
N TYR A 60 -9.91 -11.33 5.04
CA TYR A 60 -10.26 -11.72 6.39
C TYR A 60 -10.13 -10.47 7.24
N ASP A 61 -10.85 -10.42 8.37
CA ASP A 61 -10.82 -9.27 9.23
C ASP A 61 -10.27 -9.74 10.58
N PHE A 62 -9.12 -9.18 10.98
CA PHE A 62 -8.30 -9.64 12.08
C PHE A 62 -8.55 -8.75 13.29
N ILE A 63 -9.45 -7.76 13.15
CA ILE A 63 -9.66 -6.82 14.25
C ILE A 63 -10.46 -7.52 15.33
N SER A 64 -9.87 -7.56 16.55
CA SER A 64 -10.41 -8.41 17.59
C SER A 64 -10.96 -7.52 18.69
N ASP A 65 -11.63 -6.44 18.26
CA ASP A 65 -12.28 -5.48 19.12
C ASP A 65 -13.48 -4.90 18.39
N ALA A 66 -14.67 -5.20 18.92
CA ALA A 66 -15.93 -4.86 18.28
C ALA A 66 -15.99 -3.35 18.09
N SER A 67 -15.50 -2.60 19.08
CA SER A 67 -15.62 -1.15 19.01
C SER A 67 -14.71 -0.58 17.91
N THR A 68 -13.59 -1.24 17.62
CA THR A 68 -12.68 -0.82 16.55
C THR A 68 -13.20 -1.30 15.18
N SER A 69 -13.65 -2.54 15.09
CA SER A 69 -14.06 -3.17 13.84
C SER A 69 -15.45 -2.69 13.43
N ARG A 70 -16.17 -2.08 14.38
CA ARG A 70 -17.57 -1.72 14.21
C ARG A 70 -18.46 -2.93 13.93
N ARG A 71 -17.93 -4.14 14.19
CA ARG A 71 -18.71 -5.35 14.01
C ARG A 71 -19.39 -5.70 15.35
N ALA A 72 -20.23 -6.74 15.33
CA ALA A 72 -21.05 -7.06 16.49
C ALA A 72 -20.25 -7.69 17.65
N THR A 73 -19.15 -8.37 17.34
CA THR A 73 -18.34 -9.08 18.32
C THR A 73 -16.85 -8.81 18.09
N ASN A 74 -16.02 -9.34 19.01
CA ASN A 74 -14.57 -9.27 19.00
C ASN A 74 -13.98 -10.41 18.19
N ASP A 75 -14.82 -11.30 17.66
CA ASP A 75 -14.31 -12.33 16.80
C ASP A 75 -13.61 -11.71 15.60
N ARG A 76 -12.66 -12.47 15.04
CA ARG A 76 -12.14 -12.27 13.70
C ARG A 76 -13.02 -13.08 12.77
N VAL A 77 -13.24 -12.57 11.55
CA VAL A 77 -14.21 -13.17 10.66
C VAL A 77 -13.70 -13.14 9.22
N PRO A 78 -14.15 -14.08 8.38
CA PRO A 78 -13.86 -14.01 6.94
C PRO A 78 -14.38 -12.71 6.35
N GLY A 79 -13.75 -12.33 5.23
CA GLY A 79 -14.11 -11.09 4.54
C GLY A 79 -13.39 -9.89 5.15
N ALA A 80 -13.29 -8.81 4.37
CA ALA A 80 -12.61 -7.62 4.89
C ALA A 80 -13.42 -6.34 4.68
N GLN A 81 -14.76 -6.47 4.62
CA GLN A 81 -15.63 -5.31 4.47
C GLN A 81 -15.16 -4.23 5.42
N ASP A 82 -14.95 -3.01 4.85
CA ASP A 82 -14.62 -1.85 5.66
C ASP A 82 -15.94 -1.29 6.19
N TYR A 83 -16.08 -1.25 7.53
CA TYR A 83 -17.31 -0.79 8.17
C TYR A 83 -17.31 0.73 8.28
N GLY A 84 -16.14 1.31 8.03
CA GLY A 84 -15.95 2.74 8.13
C GLY A 84 -15.15 3.07 9.38
N ASP A 85 -14.10 3.89 9.23
CA ASP A 85 -13.22 4.16 10.36
C ASP A 85 -13.38 5.59 10.88
N TRP A 86 -14.52 6.24 10.56
CA TRP A 86 -14.77 7.60 11.01
C TRP A 86 -14.69 7.70 12.54
N VAL A 87 -14.31 8.89 12.99
CA VAL A 87 -14.34 9.22 14.40
C VAL A 87 -15.14 10.52 14.48
N GLU A 88 -16.25 10.48 15.23
CA GLU A 88 -17.20 11.58 15.22
C GLU A 88 -16.69 12.82 15.97
N ASN A 89 -15.85 12.65 16.99
CA ASN A 89 -15.52 13.78 17.85
C ASN A 89 -14.03 13.90 18.07
N ASP A 90 -13.57 15.15 18.21
CA ASP A 90 -12.21 15.43 18.66
C ASP A 90 -11.92 14.64 19.92
N ASN A 91 -10.70 14.08 20.01
CA ASN A 91 -10.09 13.56 21.22
C ASN A 91 -10.56 12.15 21.54
N GLU A 92 -11.42 11.57 20.70
CA GLU A 92 -11.95 10.27 21.06
C GLU A 92 -10.82 9.27 21.03
N CYS A 93 -9.83 9.53 20.17
CA CYS A 93 -8.76 8.58 19.92
C CYS A 93 -7.67 8.71 20.98
N TYR A 94 -7.17 9.93 21.15
CA TYR A 94 -6.13 10.25 22.12
C TYR A 94 -6.27 11.74 22.41
N THR A 95 -5.54 12.22 23.42
CA THR A 95 -5.52 13.64 23.75
C THR A 95 -5.18 14.42 22.49
N GLY A 96 -6.16 15.14 21.94
CA GLY A 96 -5.93 16.12 20.88
C GLY A 96 -6.28 15.65 19.46
N SER A 97 -6.79 14.41 19.29
CA SER A 97 -7.15 13.90 17.96
C SER A 97 -8.32 14.68 17.37
N VAL A 98 -8.39 14.72 16.03
CA VAL A 98 -9.41 15.51 15.35
C VAL A 98 -10.40 14.55 14.69
N ALA A 99 -11.70 14.86 14.84
CA ALA A 99 -12.77 14.10 14.22
C ALA A 99 -12.52 13.99 12.71
N GLU A 100 -12.86 12.84 12.13
CA GLU A 100 -12.68 12.72 10.69
C GLU A 100 -13.69 11.77 10.07
N ASP A 101 -13.89 11.97 8.78
CA ASP A 101 -14.74 11.08 8.01
C ASP A 101 -14.03 9.75 7.76
N SER A 102 -14.82 8.74 7.36
CA SER A 102 -14.27 7.45 6.99
C SER A 102 -13.21 7.66 5.91
N SER A 103 -12.08 6.94 5.99
CA SER A 103 -10.97 7.13 5.06
C SER A 103 -11.20 6.33 3.77
N TRP A 104 -11.78 5.14 3.92
CA TRP A 104 -11.67 4.09 2.91
C TRP A 104 -10.23 3.88 2.42
N HIS A 105 -9.26 4.06 3.33
CA HIS A 105 -7.85 3.96 2.93
C HIS A 105 -7.58 2.63 2.21
N GLY A 106 -8.10 1.52 2.75
CA GLY A 106 -7.72 0.21 2.23
C GLY A 106 -8.23 0.02 0.80
N THR A 107 -9.33 0.73 0.45
CA THR A 107 -9.92 0.59 -0.89
C THR A 107 -9.05 1.38 -1.86
N HIS A 108 -8.52 2.52 -1.40
CA HIS A 108 -7.67 3.41 -2.18
C HIS A 108 -6.34 2.68 -2.44
N VAL A 109 -5.79 2.08 -1.38
CA VAL A 109 -4.52 1.38 -1.46
C VAL A 109 -4.67 0.17 -2.38
N ALA A 110 -5.75 -0.59 -2.15
CA ALA A 110 -6.03 -1.74 -3.00
C ALA A 110 -6.13 -1.29 -4.45
N GLY A 111 -6.66 -0.09 -4.70
CA GLY A 111 -6.73 0.46 -6.06
C GLY A 111 -5.34 0.67 -6.67
N THR A 112 -4.44 1.27 -5.90
CA THR A 112 -3.09 1.52 -6.39
C THR A 112 -2.45 0.19 -6.80
N VAL A 113 -2.73 -0.81 -5.96
CA VAL A 113 -2.20 -2.15 -6.14
C VAL A 113 -2.80 -2.78 -7.41
N ALA A 114 -4.15 -2.85 -7.54
CA ALA A 114 -4.69 -3.66 -8.61
C ALA A 114 -6.04 -3.15 -9.12
N GLU A 115 -6.25 -1.82 -9.14
CA GLU A 115 -7.49 -1.33 -9.71
C GLU A 115 -7.62 -1.89 -11.13
N GLN A 116 -8.83 -2.30 -11.51
CA GLN A 116 -9.04 -2.81 -12.87
C GLN A 116 -8.66 -1.72 -13.88
N THR A 117 -7.88 -2.10 -14.89
CA THR A 117 -7.30 -1.15 -15.83
C THR A 117 -7.69 -1.54 -17.26
N ASN A 118 -7.82 -0.53 -18.12
CA ASN A 118 -8.16 -0.70 -19.53
C ASN A 118 -9.59 -1.24 -19.68
N ASN A 119 -10.44 -0.96 -18.66
CA ASN A 119 -11.79 -1.46 -18.58
C ASN A 119 -12.81 -0.34 -18.84
N GLY A 120 -12.36 0.83 -19.31
CA GLY A 120 -13.31 1.87 -19.66
C GLY A 120 -14.03 2.46 -18.45
N VAL A 121 -13.43 2.33 -17.26
CA VAL A 121 -14.09 2.70 -16.02
C VAL A 121 -13.05 3.32 -15.09
N GLY A 122 -13.33 4.52 -14.59
CA GLY A 122 -12.57 5.01 -13.45
C GLY A 122 -11.09 5.28 -13.73
N MET A 123 -10.27 4.69 -12.85
CA MET A 123 -8.84 4.92 -12.83
C MET A 123 -8.13 3.61 -13.19
N ALA A 124 -6.80 3.69 -13.28
CA ALA A 124 -5.94 2.53 -13.48
C ALA A 124 -5.28 2.13 -12.15
N GLY A 125 -4.76 0.89 -12.11
CA GLY A 125 -3.95 0.34 -11.01
C GLY A 125 -2.66 -0.24 -11.57
N VAL A 126 -1.66 -0.42 -10.69
CA VAL A 126 -0.32 -0.81 -11.13
C VAL A 126 -0.25 -2.29 -11.54
N ALA A 127 -0.44 -3.23 -10.60
CA ALA A 127 -0.46 -4.66 -10.84
C ALA A 127 -1.91 -5.12 -11.07
N HIS A 128 -2.47 -4.60 -12.16
CA HIS A 128 -3.92 -4.67 -12.42
C HIS A 128 -4.38 -6.04 -12.93
N LYS A 129 -3.47 -7.02 -13.00
CA LYS A 129 -3.90 -8.41 -13.17
C LYS A 129 -3.55 -9.25 -11.93
N ALA A 130 -2.92 -8.66 -10.91
CA ALA A 130 -2.70 -9.37 -9.67
C ALA A 130 -4.05 -9.50 -8.98
N LYS A 131 -4.07 -10.23 -7.86
CA LYS A 131 -5.22 -10.19 -6.97
C LYS A 131 -4.79 -9.55 -5.66
N VAL A 132 -5.71 -8.76 -5.08
CA VAL A 132 -5.56 -8.20 -3.74
C VAL A 132 -6.24 -9.13 -2.75
N LEU A 133 -5.47 -9.48 -1.71
CA LEU A 133 -6.00 -10.16 -0.55
C LEU A 133 -6.17 -9.08 0.51
N PRO A 134 -7.39 -8.57 0.76
CA PRO A 134 -7.59 -7.53 1.75
C PRO A 134 -7.60 -8.20 3.13
N VAL A 135 -6.81 -7.63 4.04
CA VAL A 135 -6.75 -8.19 5.37
C VAL A 135 -7.03 -7.02 6.32
N ARG A 136 -8.19 -7.03 6.97
CA ARG A 136 -8.60 -5.81 7.63
C ARG A 136 -7.98 -5.80 9.03
N VAL A 137 -7.24 -4.75 9.34
CA VAL A 137 -6.51 -4.71 10.60
C VAL A 137 -6.77 -3.37 11.26
N LEU A 138 -7.25 -2.36 10.49
CA LEU A 138 -7.44 -1.01 10.98
C LEU A 138 -8.92 -0.66 10.99
N GLY A 139 -9.35 -0.06 12.11
CA GLY A 139 -10.72 0.44 12.18
C GLY A 139 -10.78 1.78 12.90
N LYS A 140 -11.78 1.95 13.75
CA LYS A 140 -11.99 3.23 14.42
C LYS A 140 -10.81 3.48 15.35
N CYS A 141 -10.13 4.61 15.16
CA CYS A 141 -8.95 4.98 15.93
C CYS A 141 -7.76 4.06 15.64
N GLY A 142 -7.75 3.36 14.50
CA GLY A 142 -6.58 2.56 14.15
C GLY A 142 -6.75 1.08 14.50
N GLY A 143 -5.67 0.43 14.97
CA GLY A 143 -5.68 -1.02 15.13
C GLY A 143 -4.82 -1.46 16.31
N TYR A 144 -4.69 -2.77 16.52
CA TYR A 144 -3.91 -3.33 17.62
C TYR A 144 -2.73 -4.11 17.06
N LEU A 145 -1.58 -3.97 17.71
CA LEU A 145 -0.35 -4.54 17.21
C LEU A 145 -0.51 -6.05 17.02
N SER A 146 -1.18 -6.68 18.00
CA SER A 146 -1.31 -8.12 18.02
C SER A 146 -2.13 -8.62 16.83
N ASP A 147 -3.14 -7.83 16.44
CA ASP A 147 -3.95 -8.08 15.27
C ASP A 147 -3.12 -7.91 14.00
N ILE A 148 -2.33 -6.84 13.93
CA ILE A 148 -1.52 -6.56 12.75
C ILE A 148 -0.48 -7.67 12.59
N ALA A 149 0.17 -8.09 13.70
CA ALA A 149 1.18 -9.14 13.64
C ALA A 149 0.59 -10.47 13.16
N ASP A 150 -0.59 -10.85 13.70
CA ASP A 150 -1.19 -12.08 13.21
C ASP A 150 -1.56 -11.95 11.74
N ALA A 151 -2.04 -10.75 11.36
CA ALA A 151 -2.42 -10.52 9.96
C ALA A 151 -1.21 -10.74 9.04
N ILE A 152 -0.04 -10.28 9.47
CA ILE A 152 1.19 -10.51 8.71
C ILE A 152 1.44 -12.02 8.56
N THR A 153 1.34 -12.73 9.70
CA THR A 153 1.60 -14.17 9.68
C THR A 153 0.66 -14.83 8.67
N TRP A 154 -0.64 -14.52 8.79
CA TRP A 154 -1.60 -15.23 7.96
C TRP A 154 -1.45 -14.84 6.48
N ALA A 155 -1.23 -13.55 6.24
CA ALA A 155 -1.23 -13.09 4.85
C ALA A 155 -0.11 -13.80 4.09
N SER A 156 1.01 -14.03 4.79
CA SER A 156 2.17 -14.67 4.21
C SER A 156 2.11 -16.19 4.21
N GLY A 157 0.98 -16.77 4.65
CA GLY A 157 0.78 -18.21 4.55
C GLY A 157 1.26 -18.96 5.80
N GLY A 158 1.47 -18.22 6.89
CA GLY A 158 1.76 -18.84 8.18
C GLY A 158 0.46 -19.14 8.92
N THR A 159 0.56 -19.96 9.98
CA THR A 159 -0.57 -20.43 10.76
C THR A 159 -0.90 -19.42 11.86
N VAL A 160 -2.19 -19.13 12.04
CA VAL A 160 -2.59 -18.31 13.17
C VAL A 160 -3.68 -19.09 13.92
N ALA A 161 -3.57 -19.14 15.25
CA ALA A 161 -4.53 -19.87 16.07
C ALA A 161 -5.90 -19.24 15.88
N GLY A 162 -6.84 -20.04 15.37
CA GLY A 162 -8.24 -19.63 15.34
C GLY A 162 -8.67 -19.15 13.95
N VAL A 163 -7.74 -19.15 12.99
CA VAL A 163 -8.10 -18.69 11.66
C VAL A 163 -7.81 -19.83 10.72
N PRO A 164 -8.71 -20.14 9.76
CA PRO A 164 -8.41 -21.20 8.80
C PRO A 164 -7.17 -20.82 8.00
N ALA A 165 -6.43 -21.86 7.58
CA ALA A 165 -5.31 -21.79 6.66
C ALA A 165 -5.64 -20.85 5.50
N ASN A 166 -4.67 -19.97 5.20
CA ASN A 166 -4.76 -19.06 4.06
C ASN A 166 -4.51 -19.84 2.78
N ALA A 167 -5.59 -20.05 2.00
CA ALA A 167 -5.49 -20.72 0.72
C ALA A 167 -4.69 -19.91 -0.28
N ASN A 168 -4.46 -18.61 0.01
CA ASN A 168 -3.87 -17.73 -0.99
C ASN A 168 -2.73 -16.94 -0.37
N PRO A 169 -1.59 -17.57 0.00
CA PRO A 169 -0.52 -16.85 0.69
C PRO A 169 0.06 -15.83 -0.30
N ALA A 170 0.45 -14.67 0.24
CA ALA A 170 0.76 -13.55 -0.64
C ALA A 170 2.27 -13.46 -0.90
N GLU A 171 2.64 -13.15 -2.15
CA GLU A 171 4.02 -12.86 -2.54
C GLU A 171 4.50 -11.57 -1.88
N VAL A 172 3.57 -10.62 -1.63
CA VAL A 172 3.91 -9.28 -1.18
C VAL A 172 2.85 -8.85 -0.17
N ILE A 173 3.27 -8.25 0.94
CA ILE A 173 2.39 -7.63 1.91
C ILE A 173 2.64 -6.12 1.82
N ASN A 174 1.57 -5.32 1.77
CA ASN A 174 1.69 -3.87 1.88
C ASN A 174 1.09 -3.45 3.23
N MET A 175 1.86 -2.68 3.99
CA MET A 175 1.32 -2.08 5.22
C MET A 175 1.43 -0.57 5.13
N SER A 176 0.31 0.05 4.70
CA SER A 176 0.22 1.50 4.66
C SER A 176 -0.27 1.97 6.03
N LEU A 177 0.56 1.77 7.06
CA LEU A 177 0.10 2.09 8.39
C LEU A 177 1.34 2.29 9.24
N GLY A 178 1.19 2.99 10.39
CA GLY A 178 2.39 3.17 11.19
C GLY A 178 2.03 3.72 12.55
N GLY A 179 3.00 3.71 13.48
CA GLY A 179 2.83 4.35 14.77
C GLY A 179 4.17 4.52 15.45
N SER A 180 4.19 5.34 16.51
CA SER A 180 5.39 5.62 17.28
C SER A 180 6.01 4.34 17.80
N GLY A 181 7.34 4.32 17.85
CA GLY A 181 8.06 3.28 18.54
C GLY A 181 8.89 2.47 17.57
N SER A 182 10.18 2.34 17.89
CA SER A 182 11.01 1.34 17.24
C SER A 182 10.33 -0.04 17.30
N CYS A 183 10.56 -0.82 16.24
CA CYS A 183 10.00 -2.14 16.07
C CYS A 183 10.33 -2.98 17.30
N ASP A 184 9.46 -3.94 17.59
CA ASP A 184 9.51 -4.67 18.85
C ASP A 184 9.95 -6.09 18.52
N GLY A 185 9.68 -7.04 19.43
CA GLY A 185 9.78 -8.46 19.12
C GLY A 185 8.53 -9.01 18.40
N THR A 186 7.33 -8.59 18.85
CA THR A 186 6.08 -9.11 18.30
C THR A 186 6.03 -8.80 16.81
N TYR A 187 6.19 -7.50 16.49
CA TYR A 187 6.25 -7.03 15.11
C TYR A 187 7.37 -7.72 14.35
N GLN A 188 8.60 -7.60 14.86
CA GLN A 188 9.77 -8.20 14.20
C GLN A 188 9.60 -9.70 13.91
N ASP A 189 9.08 -10.48 14.86
CA ASP A 189 8.95 -11.92 14.65
C ASP A 189 7.98 -12.23 13.52
N ALA A 190 6.83 -11.51 13.49
CA ALA A 190 5.85 -11.77 12.45
C ALA A 190 6.46 -11.48 11.09
N ILE A 191 7.16 -10.35 11.02
CA ILE A 191 7.82 -9.89 9.79
C ILE A 191 8.87 -10.92 9.36
N ASN A 192 9.70 -11.38 10.31
CA ASN A 192 10.70 -12.41 10.04
C ASN A 192 10.03 -13.67 9.52
N GLY A 193 8.86 -14.00 10.11
CA GLY A 193 8.12 -15.16 9.63
C GLY A 193 7.71 -15.01 8.17
N ALA A 194 7.11 -13.85 7.84
CA ALA A 194 6.71 -13.58 6.47
C ALA A 194 7.92 -13.71 5.54
N ILE A 195 9.04 -13.08 5.93
CA ILE A 195 10.21 -13.09 5.06
C ILE A 195 10.62 -14.55 4.84
N SER A 196 10.51 -15.38 5.89
CA SER A 196 11.00 -16.75 5.82
C SER A 196 10.16 -17.57 4.85
N ARG A 197 8.89 -17.12 4.61
CA ARG A 197 7.99 -17.76 3.67
C ARG A 197 8.13 -17.20 2.25
N GLY A 198 9.12 -16.32 2.04
CA GLY A 198 9.34 -15.76 0.71
C GLY A 198 8.54 -14.49 0.42
N THR A 199 7.84 -13.94 1.43
CA THR A 199 6.99 -12.76 1.26
C THR A 199 7.80 -11.48 1.42
N THR A 200 7.79 -10.59 0.42
CA THR A 200 8.35 -9.25 0.57
C THR A 200 7.35 -8.36 1.32
N VAL A 201 7.84 -7.65 2.33
CA VAL A 201 6.99 -6.80 3.16
C VAL A 201 7.35 -5.35 2.88
N VAL A 202 6.39 -4.58 2.33
CA VAL A 202 6.60 -3.19 1.91
C VAL A 202 5.77 -2.30 2.85
N VAL A 203 6.40 -1.29 3.48
CA VAL A 203 5.64 -0.46 4.41
C VAL A 203 5.86 1.03 4.13
N ALA A 204 4.88 1.83 4.56
CA ALA A 204 4.95 3.28 4.52
C ALA A 204 5.95 3.81 5.56
N ALA A 205 6.72 4.85 5.19
CA ALA A 205 7.72 5.38 6.12
C ALA A 205 7.06 6.12 7.28
N GLY A 206 5.89 6.70 7.02
CA GLY A 206 5.16 7.52 7.98
C GLY A 206 5.16 8.98 7.56
N ASN A 207 4.27 9.79 8.18
CA ASN A 207 3.97 11.12 7.69
C ASN A 207 4.24 12.21 8.74
N GLU A 208 5.26 12.02 9.59
CA GLU A 208 5.47 12.93 10.72
C GLU A 208 6.65 13.87 10.45
N THR A 209 7.12 13.94 9.18
CA THR A 209 8.30 14.72 8.85
C THR A 209 9.40 14.46 9.90
N ASP A 210 9.67 13.18 10.15
CA ASP A 210 10.55 12.77 11.25
C ASP A 210 11.39 11.58 10.76
N ASN A 211 12.29 11.10 11.61
CA ASN A 211 13.12 9.96 11.26
C ASN A 211 12.31 8.67 11.36
N ALA A 212 12.29 7.91 10.27
CA ALA A 212 11.56 6.66 10.21
C ALA A 212 12.04 5.73 11.33
N SER A 213 13.25 5.95 11.87
CA SER A 213 13.77 5.00 12.85
C SER A 213 12.90 5.00 14.10
N LYS A 214 12.11 6.06 14.30
CA LYS A 214 11.29 6.22 15.51
C LYS A 214 9.87 5.68 15.33
N TYR A 215 9.60 4.91 14.26
CA TYR A 215 8.25 4.48 13.97
C TYR A 215 8.25 3.01 13.55
N ARG A 216 7.10 2.35 13.69
CA ARG A 216 6.99 0.96 13.27
C ARG A 216 5.71 0.75 12.47
N PRO A 217 5.67 -0.15 11.48
CA PRO A 217 6.80 -1.03 11.13
C PRO A 217 7.91 -0.46 10.25
N ALA A 218 7.93 0.87 10.08
CA ALA A 218 8.89 1.55 9.21
C ALA A 218 10.31 1.17 9.56
N SER A 219 10.59 1.08 10.89
CA SER A 219 11.93 0.85 11.38
C SER A 219 12.25 -0.64 11.56
N CYS A 220 11.32 -1.55 11.22
CA CYS A 220 11.60 -2.98 11.32
C CYS A 220 12.73 -3.37 10.38
N ASP A 221 13.49 -4.40 10.80
CA ASP A 221 14.47 -5.04 9.95
C ASP A 221 13.76 -5.86 8.88
N GLY A 222 14.35 -5.90 7.68
CA GLY A 222 13.91 -6.82 6.64
C GLY A 222 12.79 -6.28 5.75
N VAL A 223 12.23 -5.10 6.05
CA VAL A 223 11.13 -4.56 5.26
C VAL A 223 11.65 -3.56 4.21
N VAL A 224 10.80 -3.27 3.22
CA VAL A 224 11.08 -2.19 2.28
C VAL A 224 10.34 -0.97 2.81
N THR A 225 11.06 0.04 3.32
CA THR A 225 10.40 1.20 3.92
C THR A 225 10.34 2.28 2.85
N VAL A 226 9.13 2.86 2.64
CA VAL A 226 8.91 3.69 1.46
C VAL A 226 8.58 5.12 1.84
N GLY A 227 9.41 6.08 1.39
CA GLY A 227 9.09 7.49 1.54
C GLY A 227 8.19 7.99 0.40
N ALA A 228 7.85 9.28 0.50
CA ALA A 228 6.87 9.85 -0.41
C ALA A 228 7.49 11.02 -1.15
N THR A 229 7.28 11.02 -2.48
CA THR A 229 7.65 12.12 -3.35
C THR A 229 6.42 12.83 -3.94
N ARG A 230 6.65 14.06 -4.44
CA ARG A 230 5.63 14.84 -5.12
C ARG A 230 5.67 14.57 -6.63
N ILE A 231 4.70 15.14 -7.33
CA ILE A 231 4.66 15.13 -8.80
C ILE A 231 5.97 15.74 -9.32
N THR A 232 6.62 16.60 -8.53
CA THR A 232 7.86 17.24 -8.94
C THR A 232 9.02 16.26 -8.79
N GLY A 233 8.79 15.16 -8.09
CA GLY A 233 9.84 14.16 -7.86
C GLY A 233 10.68 14.51 -6.63
N GLY A 234 10.27 15.55 -5.88
CA GLY A 234 10.97 15.91 -4.66
C GLY A 234 10.24 15.40 -3.42
N ILE A 235 10.83 15.55 -2.22
CA ILE A 235 10.24 15.06 -0.99
C ILE A 235 8.95 15.83 -0.67
N THR A 236 7.94 15.12 -0.18
CA THR A 236 6.70 15.74 0.29
C THR A 236 6.95 16.41 1.65
N TYR A 237 6.07 17.35 2.02
CA TYR A 237 6.26 18.11 3.25
C TYR A 237 6.18 17.20 4.47
N TYR A 238 5.48 16.05 4.35
CA TYR A 238 5.13 15.19 5.47
C TYR A 238 6.03 13.94 5.51
N SER A 239 6.68 13.58 4.38
CA SER A 239 7.39 12.29 4.36
C SER A 239 8.35 12.12 5.54
N ASN A 240 8.34 10.93 6.15
CA ASN A 240 9.44 10.59 7.04
C ASN A 240 10.69 10.34 6.21
N TYR A 241 11.84 10.29 6.92
CA TYR A 241 13.13 10.20 6.25
C TYR A 241 14.11 9.42 7.12
N GLY A 242 15.35 9.26 6.60
CA GLY A 242 16.44 8.71 7.40
C GLY A 242 16.99 7.44 6.75
N SER A 243 18.01 6.84 7.37
CA SER A 243 18.74 5.77 6.71
C SER A 243 17.87 4.52 6.52
N ARG A 244 16.78 4.38 7.30
CA ARG A 244 15.93 3.21 7.17
C ARG A 244 15.12 3.24 5.85
N VAL A 245 14.90 4.46 5.30
CA VAL A 245 14.08 4.60 4.10
C VAL A 245 14.87 4.09 2.89
N ASP A 246 14.27 3.14 2.19
CA ASP A 246 14.96 2.38 1.15
C ASP A 246 14.81 3.06 -0.22
N LEU A 247 13.61 3.57 -0.50
CA LEU A 247 13.33 4.29 -1.74
C LEU A 247 12.01 5.00 -1.55
N SER A 248 11.57 5.76 -2.56
CA SER A 248 10.28 6.41 -2.47
C SER A 248 9.31 5.94 -3.55
N GLY A 249 8.02 6.22 -3.31
CA GLY A 249 7.00 6.22 -4.34
C GLY A 249 6.27 7.56 -4.33
N PRO A 250 5.45 7.84 -5.37
CA PRO A 250 4.56 9.00 -5.37
C PRO A 250 3.56 8.92 -4.22
N GLY A 251 3.66 9.89 -3.28
CA GLY A 251 2.72 9.97 -2.15
C GLY A 251 1.74 11.14 -2.31
N GLY A 252 2.09 12.13 -3.13
CA GLY A 252 1.32 13.34 -3.40
C GLY A 252 1.74 14.45 -2.43
N GLY A 253 2.07 15.65 -2.96
CA GLY A 253 2.57 16.73 -2.10
C GLY A 253 1.46 17.47 -1.32
N GLY A 254 0.18 17.14 -1.57
CA GLY A 254 -0.90 17.91 -0.96
C GLY A 254 -1.12 19.25 -1.67
N SER A 255 -1.63 20.26 -0.95
CA SER A 255 -2.27 21.41 -1.58
C SER A 255 -1.27 22.26 -2.37
N VAL A 256 0.00 22.24 -1.97
CA VAL A 256 1.01 23.02 -2.66
C VAL A 256 1.07 22.64 -4.14
N ASP A 257 0.67 21.40 -4.47
CA ASP A 257 0.80 20.94 -5.85
C ASP A 257 -0.54 20.93 -6.58
N GLY A 258 -1.56 21.39 -5.85
CA GLY A 258 -2.92 21.58 -6.33
C GLY A 258 -3.62 20.28 -6.72
N ASN A 259 -4.67 20.42 -7.54
CA ASN A 259 -5.54 19.31 -7.89
C ASN A 259 -5.52 19.19 -9.41
N PRO A 260 -5.15 18.05 -10.04
CA PRO A 260 -4.89 16.78 -9.35
C PRO A 260 -3.49 16.47 -8.83
N GLY A 261 -2.52 17.36 -9.06
CA GLY A 261 -1.13 16.95 -9.00
C GLY A 261 -0.63 16.70 -7.57
N GLY A 262 -1.44 17.09 -6.58
CA GLY A 262 -1.01 16.97 -5.19
C GLY A 262 -1.42 15.65 -4.54
N TYR A 263 -2.14 14.75 -5.27
CA TYR A 263 -2.89 13.65 -4.66
C TYR A 263 -2.75 12.40 -5.50
N VAL A 264 -2.86 11.21 -4.88
CA VAL A 264 -2.88 9.95 -5.61
C VAL A 264 -4.35 9.55 -5.72
N TRP A 265 -4.76 9.10 -6.91
CA TRP A 265 -6.17 8.96 -7.22
C TRP A 265 -6.52 7.50 -7.50
N GLN A 266 -7.51 6.96 -6.78
CA GLN A 266 -7.91 5.55 -6.86
C GLN A 266 -9.37 5.43 -6.44
N SER A 267 -9.92 4.23 -6.67
CA SER A 267 -11.17 3.74 -6.12
C SER A 267 -11.36 4.11 -4.64
N GLY A 268 -12.59 4.56 -4.31
CA GLY A 268 -13.02 4.73 -2.93
C GLY A 268 -14.51 5.04 -2.87
N SER A 269 -14.86 5.91 -1.90
CA SER A 269 -16.24 6.24 -1.62
C SER A 269 -16.28 7.68 -1.09
N ASP A 270 -17.44 8.30 -1.19
CA ASP A 270 -17.57 9.62 -0.56
C ASP A 270 -18.33 9.50 0.76
N ALA A 271 -18.60 8.26 1.20
CA ALA A 271 -19.34 7.97 2.42
C ALA A 271 -18.59 8.57 3.61
N ALA A 272 -19.30 9.32 4.49
CA ALA A 272 -18.66 9.99 5.62
C ALA A 272 -18.61 9.07 6.84
N THR A 273 -19.52 8.09 6.89
CA THR A 273 -19.56 7.14 8.00
C THR A 273 -19.57 5.70 7.51
N THR A 274 -20.77 5.11 7.42
CA THR A 274 -20.95 3.73 7.03
C THR A 274 -20.81 3.66 5.51
N PRO A 275 -20.52 2.48 4.90
CA PRO A 275 -20.49 2.40 3.43
C PRO A 275 -21.77 2.99 2.85
N GLU A 276 -22.89 2.68 3.52
CA GLU A 276 -24.23 3.01 3.06
C GLU A 276 -24.48 4.52 3.03
N SER A 277 -23.70 5.30 3.78
CA SER A 277 -23.92 6.73 3.86
C SER A 277 -23.46 7.46 2.59
N GLY A 278 -22.76 6.74 1.69
CA GLY A 278 -22.17 7.38 0.52
C GLY A 278 -22.27 6.48 -0.72
N SER A 279 -21.45 6.77 -1.75
CA SER A 279 -21.43 5.88 -2.90
C SER A 279 -20.00 5.73 -3.41
N TYR A 280 -19.80 4.71 -4.28
CA TYR A 280 -18.54 4.47 -4.96
C TYR A 280 -18.07 5.71 -5.70
N SER A 281 -16.75 5.93 -5.68
CA SER A 281 -16.22 7.15 -6.24
C SER A 281 -14.74 6.93 -6.51
N TYR A 282 -14.03 8.01 -6.84
CA TYR A 282 -12.58 8.02 -6.95
C TYR A 282 -12.08 9.12 -6.02
N MET A 283 -11.09 8.83 -5.18
CA MET A 283 -10.68 9.78 -4.13
C MET A 283 -9.21 10.16 -4.38
N GLY A 284 -8.87 11.44 -4.17
CA GLY A 284 -7.48 11.86 -4.20
C GLY A 284 -6.95 11.94 -2.76
N MET A 285 -5.88 11.21 -2.48
CA MET A 285 -5.35 11.16 -1.13
C MET A 285 -3.85 11.30 -1.20
N GLY A 286 -3.26 11.78 -0.10
CA GLY A 286 -1.83 11.96 -0.09
C GLY A 286 -1.26 11.32 1.17
N GLY A 287 -0.12 10.66 1.03
CA GLY A 287 0.52 10.06 2.21
C GLY A 287 1.60 9.06 1.79
N THR A 288 2.47 8.72 2.76
CA THR A 288 3.33 7.57 2.54
C THR A 288 2.48 6.31 2.37
N SER A 289 1.22 6.34 2.84
CA SER A 289 0.27 5.26 2.60
C SER A 289 0.05 5.00 1.10
N MET A 290 0.24 6.04 0.28
CA MET A 290 -0.15 6.00 -1.12
C MET A 290 1.10 5.62 -1.92
N ALA A 291 2.25 5.94 -1.31
CA ALA A 291 3.59 5.67 -1.87
C ALA A 291 3.90 4.18 -1.80
N SER A 292 3.68 3.59 -0.62
CA SER A 292 3.96 2.18 -0.33
C SER A 292 3.38 1.26 -1.41
N PRO A 293 2.08 1.30 -1.70
CA PRO A 293 1.53 0.35 -2.66
C PRO A 293 2.04 0.46 -4.09
N HIS A 294 2.60 1.64 -4.47
CA HIS A 294 3.22 1.72 -5.79
C HIS A 294 4.41 0.76 -5.79
N VAL A 295 5.10 0.73 -4.65
CA VAL A 295 6.32 -0.08 -4.52
C VAL A 295 5.94 -1.56 -4.41
N ALA A 296 4.93 -1.84 -3.56
CA ALA A 296 4.39 -3.17 -3.40
C ALA A 296 3.91 -3.72 -4.76
N ALA A 297 3.28 -2.87 -5.56
CA ALA A 297 2.72 -3.36 -6.82
C ALA A 297 3.85 -3.66 -7.80
N VAL A 298 4.94 -2.88 -7.73
CA VAL A 298 6.06 -3.08 -8.62
C VAL A 298 6.69 -4.44 -8.28
N ALA A 299 6.83 -4.74 -6.98
CA ALA A 299 7.30 -6.04 -6.56
C ALA A 299 6.46 -7.12 -7.22
N ALA A 300 5.13 -6.95 -7.20
CA ALA A 300 4.23 -7.91 -7.80
C ALA A 300 4.43 -8.04 -9.32
N LEU A 301 4.68 -6.92 -10.03
CA LEU A 301 4.93 -6.96 -11.47
C LEU A 301 6.17 -7.81 -11.75
N VAL A 302 7.19 -7.67 -10.88
CA VAL A 302 8.48 -8.35 -11.03
C VAL A 302 8.30 -9.86 -10.84
N GLN A 303 7.61 -10.26 -9.76
CA GLN A 303 7.39 -11.68 -9.48
C GLN A 303 6.65 -12.37 -10.61
N SER A 304 5.61 -11.70 -11.10
CA SER A 304 4.74 -12.14 -12.17
C SER A 304 5.54 -12.40 -13.45
N ALA A 305 6.37 -11.40 -13.83
CA ALA A 305 7.24 -11.44 -14.99
C ALA A 305 8.16 -12.66 -14.96
N LEU A 306 8.82 -12.86 -13.81
CA LEU A 306 9.68 -14.01 -13.60
C LEU A 306 8.88 -15.30 -13.77
N ILE A 307 7.80 -15.47 -13.00
CA ILE A 307 7.03 -16.71 -13.04
C ILE A 307 6.57 -16.95 -14.47
N ALA A 308 6.37 -15.88 -15.27
CA ALA A 308 5.89 -16.06 -16.62
C ALA A 308 6.99 -16.59 -17.54
N ALA A 309 8.26 -16.35 -17.18
CA ALA A 309 9.36 -16.73 -18.06
C ALA A 309 10.07 -17.96 -17.50
N GLY A 310 9.35 -18.76 -16.70
CA GLY A 310 9.91 -19.94 -16.06
C GLY A 310 10.87 -19.63 -14.91
N LYS A 311 11.22 -18.35 -14.71
CA LYS A 311 12.26 -17.92 -13.77
C LYS A 311 11.80 -18.13 -12.32
N ASP A 312 12.77 -18.22 -11.39
CA ASP A 312 12.41 -18.25 -9.98
C ASP A 312 11.97 -16.87 -9.50
N PRO A 313 11.02 -16.78 -8.53
CA PRO A 313 10.66 -15.53 -7.89
C PRO A 313 11.87 -15.04 -7.11
N LEU A 314 12.00 -13.73 -6.97
CA LEU A 314 13.07 -13.23 -6.11
C LEU A 314 12.70 -13.51 -4.67
N ALA A 315 13.71 -13.76 -3.84
CA ALA A 315 13.57 -13.81 -2.39
C ALA A 315 13.41 -12.39 -1.85
N PRO A 316 12.85 -12.18 -0.64
CA PRO A 316 12.70 -10.81 -0.12
C PRO A 316 13.89 -9.84 -0.19
N ALA A 317 15.08 -10.27 0.27
CA ALA A 317 16.26 -9.40 0.20
C ALA A 317 16.60 -9.02 -1.25
N ALA A 318 16.46 -9.96 -2.18
CA ALA A 318 16.79 -9.70 -3.58
C ALA A 318 15.81 -8.67 -4.14
N MET A 319 14.53 -8.85 -3.81
CA MET A 319 13.51 -7.89 -4.21
C MET A 319 13.85 -6.46 -3.75
N ARG A 320 14.16 -6.29 -2.47
CA ARG A 320 14.51 -4.99 -1.96
C ARG A 320 15.73 -4.41 -2.67
N THR A 321 16.76 -5.25 -2.86
CA THR A 321 17.96 -4.83 -3.55
C THR A 321 17.59 -4.35 -4.94
N LEU A 322 16.69 -5.08 -5.60
CA LEU A 322 16.42 -4.76 -7.00
C LEU A 322 15.62 -3.46 -7.05
N LEU A 323 14.69 -3.32 -6.10
CA LEU A 323 13.84 -2.14 -6.09
C LEU A 323 14.70 -0.90 -5.86
N LYS A 324 15.67 -0.99 -4.95
CA LYS A 324 16.52 0.16 -4.60
C LYS A 324 17.47 0.51 -5.75
N GLU A 325 18.10 -0.53 -6.32
CA GLU A 325 19.13 -0.35 -7.34
C GLU A 325 18.53 0.20 -8.63
N THR A 326 17.27 -0.12 -8.92
CA THR A 326 16.64 0.30 -10.17
C THR A 326 15.78 1.56 -10.02
N ALA A 327 15.70 2.14 -8.79
CA ALA A 327 14.90 3.33 -8.55
C ALA A 327 15.44 4.50 -9.40
N ARG A 328 14.53 5.37 -9.90
CA ARG A 328 14.95 6.55 -10.67
C ARG A 328 15.52 7.58 -9.70
N PRO A 329 16.78 8.05 -9.86
CA PRO A 329 17.31 9.07 -8.93
C PRO A 329 16.41 10.30 -8.96
N PHE A 330 16.27 10.97 -7.81
CA PHE A 330 15.32 12.07 -7.69
C PHE A 330 15.67 13.20 -8.67
N PRO A 331 14.66 13.76 -9.40
CA PRO A 331 14.90 14.91 -10.29
C PRO A 331 14.95 16.27 -9.60
N VAL A 332 14.77 16.26 -8.28
CA VAL A 332 14.95 17.41 -7.41
C VAL A 332 15.85 16.97 -6.25
N SER A 333 16.78 17.82 -5.84
CA SER A 333 17.74 17.43 -4.82
C SER A 333 16.98 17.09 -3.54
N ILE A 334 17.37 15.99 -2.90
CA ILE A 334 16.86 15.68 -1.57
C ILE A 334 17.87 16.22 -0.56
N PRO A 335 17.45 17.06 0.43
CA PRO A 335 18.34 17.57 1.48
C PRO A 335 19.06 16.44 2.21
N THR A 336 20.31 16.71 2.55
CA THR A 336 21.21 15.69 3.05
C THR A 336 20.65 15.09 4.35
N ALA A 337 20.00 15.92 5.18
CA ALA A 337 19.50 15.50 6.47
C ALA A 337 18.13 14.79 6.35
N THR A 338 17.53 14.74 5.14
CA THR A 338 16.24 14.08 5.03
C THR A 338 16.25 13.11 3.85
N PRO A 339 17.11 12.06 3.92
CA PRO A 339 17.24 11.08 2.83
C PRO A 339 15.97 10.25 2.80
N ILE A 340 15.52 9.95 1.58
CA ILE A 340 14.35 9.13 1.41
C ILE A 340 14.70 8.03 0.43
N GLY A 341 15.87 7.39 0.61
CA GLY A 341 16.16 6.20 -0.20
C GLY A 341 16.90 6.52 -1.50
N THR A 342 17.03 5.53 -2.39
CA THR A 342 17.88 5.67 -3.57
C THR A 342 17.21 6.43 -4.72
N GLY A 343 15.89 6.61 -4.67
CA GLY A 343 15.20 7.19 -5.81
C GLY A 343 13.71 6.83 -5.79
N ILE A 344 13.01 7.02 -6.93
CA ILE A 344 11.59 6.77 -7.01
C ILE A 344 11.45 5.44 -7.70
N VAL A 345 10.64 4.53 -7.14
CA VAL A 345 10.55 3.21 -7.73
C VAL A 345 10.33 3.40 -9.23
N ASP A 346 10.95 2.52 -10.01
CA ASP A 346 10.84 2.59 -11.47
C ASP A 346 10.39 1.22 -11.95
N ALA A 347 9.10 1.12 -12.28
CA ALA A 347 8.48 -0.17 -12.54
C ALA A 347 9.21 -0.81 -13.74
N LYS A 348 9.48 -0.02 -14.76
CA LYS A 348 10.11 -0.57 -15.96
C LYS A 348 11.55 -1.01 -15.68
N ALA A 349 12.32 -0.14 -15.00
CA ALA A 349 13.70 -0.46 -14.71
C ALA A 349 13.80 -1.73 -13.85
N ALA A 350 12.95 -1.86 -12.82
CA ALA A 350 12.91 -3.06 -12.00
C ALA A 350 12.71 -4.30 -12.89
N LEU A 351 11.70 -4.23 -13.76
CA LEU A 351 11.41 -5.34 -14.65
C LEU A 351 12.63 -5.66 -15.53
N ALA A 352 13.16 -4.65 -16.24
CA ALA A 352 14.32 -4.83 -17.12
C ALA A 352 15.45 -5.57 -16.41
N SER A 353 15.77 -5.18 -15.18
CA SER A 353 16.89 -5.73 -14.44
C SER A 353 16.63 -7.16 -14.00
N ALA A 354 15.39 -7.43 -13.54
CA ALA A 354 15.01 -8.77 -13.11
C ALA A 354 15.01 -9.73 -14.29
N LEU A 355 14.70 -9.25 -15.48
CA LEU A 355 14.55 -10.18 -16.57
C LEU A 355 15.84 -10.28 -17.38
N GLU A 356 16.93 -9.67 -16.90
CA GLU A 356 18.20 -9.77 -17.60
C GLU A 356 18.74 -11.21 -17.47
C1 GOL B . -21.96 -7.04 12.45
O1 GOL B . -22.29 -6.42 11.21
C2 GOL B . -21.74 -8.52 12.24
O2 GOL B . -20.86 -9.00 13.26
C3 GOL B . -23.02 -9.31 12.27
O3 GOL B . -23.74 -9.07 13.48
C PMS C . -1.76 6.86 7.00
S PMS C . -1.53 6.99 5.20
C1 PMS C . -0.44 6.59 7.66
C2 PMS C . 0.39 5.59 7.20
C3 PMS C . 1.60 5.33 7.83
C4 PMS C . 1.99 6.08 8.94
C5 PMS C . 1.16 7.10 9.41
C6 PMS C . -0.05 7.35 8.76
O2S PMS C . -2.77 7.52 4.71
O1S PMS C . -0.26 7.61 4.97
C1 GOL D . 16.58 12.41 12.96
O1 GOL D . 17.40 12.40 11.79
C2 GOL D . 16.44 13.82 13.47
O2 GOL D . 16.42 14.68 12.34
C3 GOL D . 15.20 14.02 14.31
O3 GOL D . 14.24 14.84 13.65
C1 GOL E . -19.49 4.29 17.66
O1 GOL E . -18.20 4.85 17.38
C2 GOL E . -20.57 5.07 16.92
O2 GOL E . -19.96 6.21 16.31
C3 GOL E . -21.35 4.27 15.90
O3 GOL E . -20.56 3.29 15.23
C1 GOL F . 16.04 -18.09 -11.79
O1 GOL F . 17.27 -17.39 -11.64
C2 GOL F . 15.78 -18.45 -13.24
O2 GOL F . 16.78 -17.88 -14.07
C3 GOL F . 15.65 -19.95 -13.48
O3 GOL F . 15.74 -20.70 -12.27
S SO4 G . 17.73 -4.27 7.55
O1 SO4 G . 16.34 -4.11 7.23
O2 SO4 G . 18.40 -3.00 7.48
O3 SO4 G . 17.86 -4.76 8.89
O4 SO4 G . 18.33 -5.18 6.62
S SO4 H . 19.64 7.61 10.67
O1 SO4 H . 18.90 8.24 9.60
O2 SO4 H . 20.93 7.19 10.21
O3 SO4 H . 19.82 8.54 11.75
O4 SO4 H . 18.90 6.46 11.14
S SO4 I . -2.79 18.80 2.19
O1 SO4 I . -3.71 18.59 1.10
O2 SO4 I . -2.01 20.00 1.98
O3 SO4 I . -3.53 18.95 3.42
O4 SO4 I . -1.90 17.67 2.29
S SO4 J . 19.80 -3.30 0.51
O1 SO4 J . 18.43 -3.76 0.31
O2 SO4 J . 19.89 -1.88 0.30
O3 SO4 J . 20.22 -3.56 1.87
O4 SO4 J . 20.64 -3.99 -0.45
CA CA K . -10.54 1.17 -14.34
#